data_4FT6
#
_entry.id   4FT6
#
_cell.length_a   96.479
_cell.length_b   96.479
_cell.length_c   148.190
_cell.angle_alpha   90.00
_cell.angle_beta   90.00
_cell.angle_gamma   120.00
#
_symmetry.space_group_name_H-M   'P 32 2 1'
#
loop_
_entity.id
_entity.type
_entity.pdbx_description
1 polymer 'Probable porin'
2 non-polymer (HYDROXYETHYLOXY)TRI(ETHYLOXY)OCTANE
3 non-polymer DECYL-BETA-D-MALTOPYRANOSIDE
4 water water
#
_entity_poly.entity_id   1
_entity_poly.type   'polypeptide(L)'
_entity_poly.pdbx_seq_one_letter_code
;HHHHHHEGFIEDASVSLGLRNLYFNRDFRQPGAAQSKQEEWAQGFLLQAKSGYTQGTLGLGVELIGQLGLKLDSSPDRAG
SGLLPRHADGRAADDYARLGVAPKLKLSNTELKLGELLPELPILLRNDGRLLPQTFQGGMLTSREIAGLTLHGGQMRSLS
QRNSSDHQDLSVDGRGGAFSDRFDYLGAEYRFNAERSQVGLWQARLQDIYRQDYYSLSHKQSFGGWRLGASVGLFDTRDE
GAAKLGELENRALTGFFSATRGGHSLGAGYQRMYGDDGMLYIAGTSTPLVNDIQVRNFTSAGERSWQLRYDYDFVALGIP
GLTAMARYASGAHARTKAMDDGRAWERDVDVAYVIQSGPLKNLGLRWRNAMLRSNHAADVDENRLILSYSLPLL
;
_entity_poly.pdbx_strand_id   A
#
loop_
_chem_comp.id
_chem_comp.type
_chem_comp.name
_chem_comp.formula
C8E non-polymer (HYDROXYETHYLOXY)TRI(ETHYLOXY)OCTANE 'C16 H34 O5'
DMU D-saccharide DECYL-BETA-D-MALTOPYRANOSIDE 'C22 H42 O11'
#
# COMPACT_ATOMS: atom_id res chain seq x y z
N GLU A 7 25.31 26.02 -1.82
CA GLU A 7 25.73 25.72 -0.46
C GLU A 7 24.57 25.09 0.29
N GLY A 8 24.17 23.90 -0.14
CA GLY A 8 22.98 23.26 0.39
C GLY A 8 21.85 23.56 -0.57
N PHE A 9 20.62 23.20 -0.18
CA PHE A 9 19.42 23.44 -0.99
C PHE A 9 19.55 22.86 -2.41
N ILE A 10 20.60 23.31 -3.10
CA ILE A 10 20.93 22.85 -4.44
C ILE A 10 21.90 21.65 -4.37
N GLU A 11 22.37 21.31 -3.17
CA GLU A 11 23.38 20.25 -3.00
C GLU A 11 22.77 18.90 -2.58
N ASP A 12 21.66 18.95 -1.86
CA ASP A 12 20.95 17.74 -1.43
C ASP A 12 19.70 17.54 -2.29
N ALA A 13 19.61 18.32 -3.37
CA ALA A 13 18.47 18.23 -4.26
C ALA A 13 18.59 16.98 -5.13
N SER A 14 17.45 16.37 -5.43
CA SER A 14 17.42 15.27 -6.39
C SER A 14 16.21 15.34 -7.30
N VAL A 15 16.37 14.85 -8.52
CA VAL A 15 15.26 14.66 -9.45
C VAL A 15 15.34 13.25 -10.03
N SER A 16 14.25 12.51 -9.93
CA SER A 16 14.18 11.19 -10.54
C SER A 16 12.94 11.07 -11.41
N LEU A 17 13.05 10.25 -12.45
CA LEU A 17 11.94 9.94 -13.33
C LEU A 17 11.69 8.44 -13.28
N GLY A 18 10.59 8.05 -12.63
CA GLY A 18 10.26 6.65 -12.53
C GLY A 18 9.43 6.19 -13.71
N LEU A 19 9.85 5.09 -14.31
CA LEU A 19 9.17 4.54 -15.47
C LEU A 19 8.58 3.19 -15.11
N ARG A 20 7.29 3.03 -15.37
CA ARG A 20 6.61 1.77 -15.11
C ARG A 20 5.76 1.37 -16.31
N ASN A 21 6.16 0.30 -17.00
CA ASN A 21 5.34 -0.30 -18.04
C ASN A 21 4.56 -1.46 -17.46
N LEU A 22 3.25 -1.43 -17.58
CA LEU A 22 2.42 -2.40 -16.85
C LEU A 22 1.40 -3.07 -17.74
N TYR A 23 1.41 -4.40 -17.74
CA TYR A 23 0.37 -5.20 -18.38
C TYR A 23 -0.41 -5.87 -17.26
N PHE A 24 -1.73 -5.68 -17.25
CA PHE A 24 -2.57 -6.19 -16.17
C PHE A 24 -3.70 -7.00 -16.79
N ASN A 25 -3.94 -8.19 -16.26
CA ASN A 25 -4.97 -9.07 -16.82
C ASN A 25 -5.63 -9.86 -15.70
N ARG A 26 -6.78 -9.35 -15.24
CA ARG A 26 -7.58 -10.05 -14.25
C ARG A 26 -8.67 -10.80 -14.97
N ASP A 27 -8.63 -12.12 -14.88
CA ASP A 27 -9.59 -12.96 -15.56
C ASP A 27 -10.64 -13.53 -14.60
N PHE A 28 -11.89 -13.15 -14.80
CA PHE A 28 -12.99 -13.69 -14.00
C PHE A 28 -13.43 -15.03 -14.57
N ARG A 29 -13.45 -16.05 -13.71
CA ARG A 29 -13.68 -17.42 -14.14
C ARG A 29 -15.16 -17.78 -14.28
N GLN A 30 -15.96 -17.37 -13.30
CA GLN A 30 -17.39 -17.66 -13.29
C GLN A 30 -18.11 -16.99 -14.48
N PRO A 31 -18.91 -17.76 -15.22
CA PRO A 31 -19.88 -17.17 -16.15
C PRO A 31 -21.30 -17.29 -15.60
N GLY A 32 -22.18 -16.36 -15.96
CA GLY A 32 -21.81 -15.18 -16.70
C GLY A 32 -21.32 -14.13 -15.74
N ALA A 33 -20.15 -13.56 -16.03
CA ALA A 33 -19.56 -12.58 -15.15
C ALA A 33 -19.91 -11.18 -15.62
N ALA A 34 -20.91 -11.06 -16.51
CA ALA A 34 -21.19 -9.80 -17.20
C ALA A 34 -19.92 -9.28 -17.90
N GLN A 35 -18.92 -8.87 -17.11
CA GLN A 35 -17.59 -8.57 -17.62
C GLN A 35 -16.65 -9.76 -17.45
N SER A 36 -16.10 -10.24 -18.55
CA SER A 36 -15.27 -11.44 -18.54
C SER A 36 -13.85 -11.21 -18.05
N LYS A 37 -13.38 -9.97 -18.16
CA LYS A 37 -11.94 -9.72 -18.09
C LYS A 37 -11.62 -8.25 -17.88
N GLN A 38 -10.60 -7.97 -17.08
CA GLN A 38 -9.95 -6.67 -17.10
C GLN A 38 -8.57 -6.87 -17.69
N GLU A 39 -8.35 -6.41 -18.92
CA GLU A 39 -7.04 -6.56 -19.53
C GLU A 39 -6.57 -5.27 -20.16
N GLU A 40 -5.63 -4.59 -19.52
CA GLU A 40 -5.10 -3.33 -20.04
C GLU A 40 -3.58 -3.27 -20.01
N TRP A 41 -3.03 -2.34 -20.78
CA TRP A 41 -1.60 -2.15 -20.85
C TRP A 41 -1.28 -0.64 -20.90
N ALA A 42 -0.39 -0.19 -20.02
CA ALA A 42 -0.18 1.25 -19.83
C ALA A 42 1.26 1.55 -19.45
N GLN A 43 1.67 2.79 -19.73
CA GLN A 43 3.01 3.25 -19.37
C GLN A 43 2.87 4.45 -18.44
N GLY A 44 3.53 4.39 -17.28
CA GLY A 44 3.46 5.46 -16.31
C GLY A 44 4.78 6.18 -16.14
N PHE A 45 4.70 7.48 -15.83
CA PHE A 45 5.87 8.31 -15.57
C PHE A 45 5.70 8.95 -14.21
N LEU A 46 6.73 8.86 -13.37
CA LEU A 46 6.67 9.46 -12.03
C LEU A 46 7.81 10.44 -11.78
N LEU A 47 7.48 11.72 -11.82
CA LEU A 47 8.48 12.77 -11.63
C LEU A 47 8.53 13.18 -10.17
N GLN A 48 9.70 13.05 -9.58
CA GLN A 48 9.89 13.45 -8.19
C GLN A 48 11.12 14.32 -8.07
N ALA A 49 10.89 15.58 -7.71
CA ALA A 49 11.96 16.56 -7.57
C ALA A 49 11.95 17.14 -6.16
N LYS A 50 13.08 17.02 -5.48
CA LYS A 50 13.19 17.55 -4.14
C LYS A 50 14.35 18.51 -4.13
N SER A 51 14.16 19.67 -3.52
CA SER A 51 15.27 20.53 -3.21
C SER A 51 15.80 20.02 -1.87
N GLY A 52 16.98 20.49 -1.50
CA GLY A 52 17.42 20.41 -0.12
C GLY A 52 16.84 21.55 0.70
N TYR A 53 17.45 21.84 1.85
CA TYR A 53 16.91 22.85 2.78
C TYR A 53 17.79 24.09 2.82
N THR A 54 17.18 25.28 2.95
CA THR A 54 17.97 26.49 3.08
C THR A 54 18.72 26.47 4.40
N GLN A 55 19.91 27.04 4.43
CA GLN A 55 20.66 27.17 5.67
C GLN A 55 19.85 27.97 6.69
N GLY A 56 20.28 27.91 7.95
CA GLY A 56 19.51 28.51 9.03
C GLY A 56 18.89 27.46 9.93
N THR A 57 18.49 27.90 11.12
CA THR A 57 17.88 27.04 12.13
C THR A 57 16.55 26.48 11.65
N LEU A 58 15.83 27.27 10.86
CA LEU A 58 14.60 26.82 10.24
C LEU A 58 14.81 26.73 8.72
N GLY A 59 14.99 25.51 8.22
CA GLY A 59 15.24 25.31 6.81
C GLY A 59 13.98 25.20 5.99
N LEU A 60 13.96 25.86 4.83
CA LEU A 60 12.84 25.72 3.88
C LEU A 60 13.28 24.86 2.68
N GLY A 61 12.32 24.12 2.12
CA GLY A 61 12.55 23.35 0.92
C GLY A 61 11.25 23.10 0.19
N VAL A 62 11.35 22.59 -1.03
CA VAL A 62 10.14 22.30 -1.77
C VAL A 62 10.32 21.06 -2.62
N GLU A 63 9.25 20.27 -2.70
CA GLU A 63 9.24 19.04 -3.46
C GLU A 63 8.14 19.08 -4.52
N LEU A 64 8.26 18.25 -5.54
CA LEU A 64 7.29 18.22 -6.62
C LEU A 64 7.02 16.76 -6.97
N ILE A 65 5.74 16.41 -7.12
CA ILE A 65 5.39 15.08 -7.61
C ILE A 65 4.60 15.20 -8.91
N GLY A 66 5.11 14.61 -9.98
CA GLY A 66 4.47 14.69 -11.27
C GLY A 66 4.09 13.29 -11.74
N GLN A 67 2.88 13.17 -12.28
CA GLN A 67 2.39 11.88 -12.75
C GLN A 67 1.91 11.97 -14.20
N LEU A 68 2.14 10.92 -14.97
CA LEU A 68 1.61 10.79 -16.33
C LEU A 68 1.40 9.31 -16.63
N GLY A 69 0.15 8.94 -16.90
CA GLY A 69 -0.17 7.59 -17.32
C GLY A 69 -0.62 7.63 -18.77
N LEU A 70 -0.18 6.67 -19.58
CA LEU A 70 -0.56 6.62 -20.98
C LEU A 70 -1.19 5.27 -21.31
N LYS A 71 -2.33 5.31 -21.99
CA LYS A 71 -2.97 4.09 -22.51
C LYS A 71 -2.17 3.50 -23.67
N LEU A 72 -1.76 2.24 -23.54
CA LEU A 72 -1.06 1.55 -24.61
C LEU A 72 -2.01 0.57 -25.32
N ASP A 73 -2.86 -0.08 -24.54
CA ASP A 73 -3.85 -0.99 -25.12
C ASP A 73 -5.04 -1.19 -24.19
N SER A 74 -6.24 -1.00 -24.74
CA SER A 74 -7.48 -1.18 -24.00
C SER A 74 -8.68 -1.23 -24.93
N SER A 75 -9.73 -1.91 -24.49
CA SER A 75 -10.99 -2.00 -25.19
C SER A 75 -12.06 -1.86 -24.11
N PRO A 76 -13.16 -1.14 -24.40
CA PRO A 76 -14.14 -0.83 -23.34
C PRO A 76 -14.69 -2.08 -22.64
N ASP A 77 -14.80 -3.19 -23.35
CA ASP A 77 -15.31 -4.44 -22.76
C ASP A 77 -14.40 -5.00 -21.65
N ARG A 78 -13.23 -4.42 -21.48
CA ARG A 78 -12.27 -4.98 -20.54
C ARG A 78 -11.42 -3.94 -19.82
N ALA A 79 -12.03 -2.83 -19.40
CA ALA A 79 -11.26 -1.62 -19.04
C ALA A 79 -11.14 -1.19 -17.56
N GLY A 80 -11.82 -1.84 -16.63
CA GLY A 80 -11.75 -1.36 -15.26
C GLY A 80 -10.53 -1.78 -14.45
N SER A 81 -9.38 -1.95 -15.10
CA SER A 81 -8.24 -2.61 -14.45
C SER A 81 -7.60 -1.81 -13.32
N GLY A 82 -7.82 -0.50 -13.32
CA GLY A 82 -7.17 0.37 -12.36
C GLY A 82 -5.87 0.99 -12.84
N LEU A 83 -5.48 0.72 -14.08
CA LEU A 83 -4.30 1.37 -14.66
C LEU A 83 -4.68 2.72 -15.23
N LEU A 84 -5.96 2.87 -15.57
CA LEU A 84 -6.45 4.04 -16.27
C LEU A 84 -7.82 4.45 -15.76
N PRO A 85 -8.12 5.76 -15.80
CA PRO A 85 -9.48 6.21 -15.54
C PRO A 85 -10.41 5.68 -16.63
N ARG A 86 -11.70 5.63 -16.34
CA ARG A 86 -12.65 4.98 -17.21
C ARG A 86 -13.90 5.82 -17.31
N HIS A 87 -14.27 6.20 -18.52
CA HIS A 87 -15.43 7.06 -18.76
C HIS A 87 -16.74 6.30 -18.50
N ALA A 88 -17.85 7.03 -18.58
CA ALA A 88 -19.16 6.42 -18.40
C ALA A 88 -19.53 5.49 -19.56
N ASP A 89 -19.04 5.81 -20.75
CA ASP A 89 -19.27 4.95 -21.92
C ASP A 89 -18.57 3.58 -21.79
N GLY A 90 -17.64 3.49 -20.84
CA GLY A 90 -16.87 2.28 -20.62
C GLY A 90 -15.48 2.33 -21.22
N ARG A 91 -15.17 3.41 -21.93
CA ARG A 91 -13.87 3.57 -22.56
C ARG A 91 -12.84 4.10 -21.57
N ALA A 92 -11.66 3.48 -21.57
CA ALA A 92 -10.49 4.01 -20.86
C ALA A 92 -10.12 5.40 -21.38
N ALA A 93 -9.58 6.24 -20.50
CA ALA A 93 -8.98 7.48 -20.95
C ALA A 93 -7.72 7.12 -21.73
N ASP A 94 -7.32 7.99 -22.64
CA ASP A 94 -6.11 7.76 -23.39
C ASP A 94 -4.91 8.14 -22.55
N ASP A 95 -5.15 8.99 -21.56
CA ASP A 95 -4.10 9.46 -20.67
C ASP A 95 -4.65 10.23 -19.48
N TYR A 96 -3.78 10.45 -18.50
CA TYR A 96 -4.09 11.30 -17.36
C TYR A 96 -2.80 11.75 -16.70
N ALA A 97 -2.83 12.94 -16.12
CA ALA A 97 -1.63 13.50 -15.52
C ALA A 97 -1.98 14.20 -14.25
N ARG A 98 -0.96 14.46 -13.43
CA ARG A 98 -1.18 15.16 -12.19
C ARG A 98 0.13 15.80 -11.74
N LEU A 99 0.04 16.96 -11.13
CA LEU A 99 1.22 17.66 -10.67
C LEU A 99 0.89 18.33 -9.34
N GLY A 100 1.62 17.94 -8.30
CA GLY A 100 1.45 18.58 -7.01
C GLY A 100 2.76 19.06 -6.43
N VAL A 101 2.72 20.24 -5.84
CA VAL A 101 3.90 20.77 -5.17
C VAL A 101 3.82 20.44 -3.68
N ALA A 102 4.95 20.43 -2.99
CA ALA A 102 4.97 20.14 -1.55
C ALA A 102 6.07 20.88 -0.79
N PRO A 103 5.71 22.04 -0.22
CA PRO A 103 6.71 22.78 0.57
C PRO A 103 7.05 22.00 1.82
N LYS A 104 8.22 22.25 2.39
CA LYS A 104 8.66 21.54 3.58
C LYS A 104 9.51 22.43 4.49
N LEU A 105 9.31 22.30 5.80
CA LEU A 105 10.11 23.02 6.79
C LEU A 105 10.85 21.99 7.63
N LYS A 106 12.02 22.36 8.14
CA LYS A 106 12.76 21.50 9.05
C LYS A 106 13.36 22.30 10.18
N LEU A 107 13.05 21.91 11.39
CA LEU A 107 13.64 22.56 12.55
C LEU A 107 14.31 21.47 13.38
N SER A 108 15.63 21.58 13.53
CA SER A 108 16.42 20.53 14.20
C SER A 108 16.21 19.15 13.56
N ASN A 109 15.53 18.25 14.29
CA ASN A 109 15.23 16.90 13.82
C ASN A 109 13.74 16.70 13.55
N THR A 110 13.01 17.79 13.45
CA THR A 110 11.58 17.73 13.24
C THR A 110 11.27 18.31 11.87
N GLU A 111 10.40 17.65 11.12
CA GLU A 111 10.22 17.98 9.73
C GLU A 111 8.74 18.06 9.37
N LEU A 112 8.37 19.10 8.63
CA LEU A 112 6.97 19.30 8.25
C LEU A 112 6.86 19.35 6.74
N LYS A 113 5.94 18.56 6.18
CA LYS A 113 5.66 18.63 4.74
C LYS A 113 4.19 18.90 4.53
N LEU A 114 3.89 19.80 3.60
CA LEU A 114 2.51 20.13 3.25
C LEU A 114 2.30 20.01 1.75
N GLY A 115 1.07 19.74 1.32
CA GLY A 115 0.77 19.73 -0.10
C GLY A 115 0.49 18.33 -0.61
N GLU A 116 1.10 17.97 -1.74
CA GLU A 116 0.95 16.65 -2.31
C GLU A 116 1.82 15.63 -1.55
N LEU A 117 1.20 14.63 -0.94
CA LEU A 117 1.93 13.71 -0.08
C LEU A 117 1.79 12.25 -0.49
N LEU A 118 2.84 11.47 -0.17
CA LEU A 118 2.84 10.01 -0.33
C LEU A 118 3.00 9.33 1.03
N PRO A 119 1.96 9.39 1.89
CA PRO A 119 2.10 8.82 3.25
C PRO A 119 2.21 7.30 3.26
N GLU A 120 3.14 6.78 4.05
CA GLU A 120 3.21 5.35 4.26
C GLU A 120 3.06 5.06 5.76
N LEU A 121 1.82 5.11 6.23
CA LEU A 121 1.52 5.04 7.65
C LEU A 121 0.65 3.83 7.95
N PRO A 122 0.85 3.20 9.13
CA PRO A 122 0.13 1.95 9.46
C PRO A 122 -1.37 2.21 9.47
N ILE A 123 -1.68 3.48 9.72
CA ILE A 123 -3.04 3.95 9.84
C ILE A 123 -3.52 4.57 8.51
N LEU A 124 -2.59 4.73 7.57
CA LEU A 124 -2.89 5.38 6.30
C LEU A 124 -1.76 5.06 5.34
N LEU A 125 -1.90 3.95 4.64
CA LEU A 125 -0.86 3.42 3.78
C LEU A 125 -1.22 3.73 2.32
N ARG A 126 -0.48 4.63 1.66
CA ARG A 126 -0.84 4.98 0.28
C ARG A 126 -0.73 3.77 -0.67
N ASN A 127 -1.73 3.58 -1.52
CA ASN A 127 -1.69 2.48 -2.47
C ASN A 127 -0.71 2.68 -3.63
N ASP A 128 0.07 1.65 -3.96
CA ASP A 128 0.90 1.68 -5.16
C ASP A 128 0.76 0.37 -5.98
N GLY A 129 -0.47 -0.15 -6.05
CA GLY A 129 -0.70 -1.43 -6.70
C GLY A 129 -1.08 -1.39 -8.18
N ARG A 130 -0.89 -0.26 -8.86
CA ARG A 130 -1.13 -0.19 -10.30
C ARG A 130 -0.07 0.65 -11.02
N LEU A 131 -0.53 1.58 -11.85
CA LEU A 131 0.38 2.35 -12.69
C LEU A 131 1.05 3.51 -11.93
N LEU A 132 0.26 4.26 -11.18
CA LEU A 132 0.70 5.49 -10.55
C LEU A 132 0.19 5.51 -9.11
N PRO A 133 0.98 6.09 -8.18
CA PRO A 133 0.66 6.07 -6.74
C PRO A 133 -0.57 6.90 -6.38
N GLN A 134 -1.34 6.38 -5.44
CA GLN A 134 -2.32 7.17 -4.70
C GLN A 134 -1.57 8.31 -3.98
N THR A 135 -2.18 9.48 -3.89
CA THR A 135 -1.55 10.56 -3.12
C THR A 135 -2.55 11.18 -2.18
N PHE A 136 -2.06 11.86 -1.15
CA PHE A 136 -2.97 12.58 -0.28
C PHE A 136 -2.68 14.08 -0.25
N GLN A 137 -3.65 14.86 0.18
CA GLN A 137 -3.44 16.29 0.28
C GLN A 137 -3.67 16.73 1.70
N GLY A 138 -2.60 17.29 2.29
CA GLY A 138 -2.68 17.83 3.62
C GLY A 138 -1.29 18.15 4.12
N GLY A 139 -0.99 17.74 5.35
CA GLY A 139 0.25 18.13 5.99
C GLY A 139 0.71 17.05 6.95
N MET A 140 2.01 16.78 6.94
CA MET A 140 2.55 15.75 7.82
C MET A 140 3.67 16.31 8.68
N LEU A 141 3.59 15.98 9.96
CA LEU A 141 4.66 16.29 10.88
C LEU A 141 5.33 14.97 11.29
N THR A 142 6.65 14.98 11.31
CA THR A 142 7.43 13.82 11.73
C THR A 142 8.55 14.30 12.64
N SER A 143 8.65 13.73 13.83
CA SER A 143 9.61 14.25 14.79
C SER A 143 10.35 13.16 15.53
N ARG A 144 11.67 13.31 15.57
CA ARG A 144 12.54 12.35 16.23
C ARG A 144 13.64 13.09 16.98
N GLU A 145 13.23 13.87 17.98
CA GLU A 145 14.17 14.60 18.79
C GLU A 145 14.83 13.68 19.82
N ILE A 146 14.14 12.60 20.19
CA ILE A 146 14.68 11.62 21.13
C ILE A 146 15.21 10.39 20.40
N ALA A 147 16.36 9.90 20.86
CA ALA A 147 16.93 8.68 20.29
C ALA A 147 15.99 7.49 20.54
N GLY A 148 15.64 6.77 19.48
CA GLY A 148 14.75 5.62 19.59
C GLY A 148 13.30 5.96 19.30
N LEU A 149 12.94 7.23 19.46
CA LEU A 149 11.54 7.61 19.40
C LEU A 149 11.22 8.39 18.14
N THR A 150 10.06 8.12 17.56
CA THR A 150 9.60 8.86 16.40
C THR A 150 8.15 9.22 16.61
N LEU A 151 7.87 10.52 16.58
CA LEU A 151 6.51 11.00 16.81
C LEU A 151 5.92 11.47 15.48
N HIS A 152 4.63 11.18 15.29
CA HIS A 152 3.93 11.51 14.05
C HIS A 152 2.65 12.27 14.34
N GLY A 153 2.39 13.28 13.51
CA GLY A 153 1.11 13.97 13.54
C GLY A 153 0.81 14.51 12.15
N GLY A 154 -0.47 14.60 11.83
CA GLY A 154 -0.85 15.20 10.56
C GLY A 154 -2.35 15.22 10.35
N GLN A 155 -2.75 15.93 9.30
CA GLN A 155 -4.15 16.01 8.88
C GLN A 155 -4.23 15.95 7.35
N MET A 156 -5.09 15.07 6.86
CA MET A 156 -5.31 14.99 5.43
C MET A 156 -6.71 15.51 5.14
N ARG A 157 -6.91 16.12 3.97
CA ARG A 157 -8.21 16.66 3.60
C ARG A 157 -8.83 16.01 2.39
N SER A 158 -7.98 15.53 1.49
CA SER A 158 -8.44 14.86 0.28
C SER A 158 -7.41 13.86 -0.20
N LEU A 159 -7.82 13.01 -1.14
CA LEU A 159 -6.91 12.07 -1.76
C LEU A 159 -7.06 12.11 -3.28
N SER A 160 -6.09 11.54 -3.99
CA SER A 160 -6.24 11.30 -5.41
C SER A 160 -5.95 9.82 -5.66
N GLN A 161 -6.94 9.09 -6.17
CA GLN A 161 -6.76 7.66 -6.40
C GLN A 161 -5.71 7.37 -7.48
N ARG A 162 -5.19 6.15 -7.47
CA ARG A 162 -4.11 5.76 -8.37
C ARG A 162 -4.43 5.95 -9.86
N ASN A 163 -5.71 5.77 -10.23
CA ASN A 163 -6.11 5.89 -11.63
C ASN A 163 -6.90 7.18 -11.87
N SER A 164 -6.51 8.27 -11.23
CA SER A 164 -7.24 9.52 -11.41
C SER A 164 -6.34 10.75 -11.39
N SER A 165 -6.63 11.69 -12.27
CA SER A 165 -6.00 12.99 -12.23
C SER A 165 -6.52 13.76 -11.02
N ASP A 166 -7.76 13.47 -10.65
CA ASP A 166 -8.51 14.33 -9.74
C ASP A 166 -8.31 13.97 -8.28
N HIS A 167 -8.69 14.90 -7.40
CA HIS A 167 -8.76 14.60 -5.98
C HIS A 167 -10.22 14.62 -5.51
N GLN A 168 -10.46 13.98 -4.37
CA GLN A 168 -11.80 13.90 -3.79
C GLN A 168 -11.72 13.85 -2.25
N ASP A 169 -12.79 14.28 -1.57
CA ASP A 169 -12.84 14.15 -0.12
C ASP A 169 -12.67 12.69 0.30
N LEU A 170 -12.22 12.46 1.54
CA LEU A 170 -11.96 11.11 2.04
C LEU A 170 -13.25 10.35 2.37
N SER A 171 -13.18 9.02 2.32
CA SER A 171 -14.33 8.14 2.63
C SER A 171 -13.74 6.78 2.98
N VAL A 172 -14.57 5.80 3.37
CA VAL A 172 -13.97 4.55 3.80
C VAL A 172 -14.16 3.47 2.78
N ASP A 173 -13.11 2.65 2.61
CA ASP A 173 -13.07 1.64 1.56
C ASP A 173 -14.26 0.71 1.63
N GLY A 174 -14.89 0.48 0.48
CA GLY A 174 -16.01 -0.45 0.40
C GLY A 174 -17.34 0.13 0.81
N ARG A 175 -17.35 1.30 1.45
CA ARG A 175 -18.62 1.91 1.90
C ARG A 175 -19.05 3.09 1.04
N GLY A 176 -18.22 4.13 0.98
CA GLY A 176 -18.60 5.33 0.27
C GLY A 176 -19.86 5.94 0.86
N GLY A 177 -20.48 6.87 0.14
CA GLY A 177 -21.62 7.59 0.66
C GLY A 177 -21.22 8.71 1.62
N ALA A 178 -20.57 8.34 2.73
CA ALA A 178 -20.19 9.31 3.75
C ALA A 178 -18.78 9.82 3.47
N PHE A 179 -18.59 11.13 3.42
CA PHE A 179 -17.25 11.67 3.15
C PHE A 179 -16.72 12.54 4.29
N SER A 180 -15.41 12.77 4.31
CA SER A 180 -14.84 13.71 5.28
C SER A 180 -13.77 14.63 4.73
N ASP A 181 -13.80 15.86 5.22
CA ASP A 181 -12.76 16.89 5.03
C ASP A 181 -11.55 16.60 5.88
N ARG A 182 -11.74 15.90 6.99
CA ARG A 182 -10.70 15.92 7.99
C ARG A 182 -10.28 14.54 8.49
N PHE A 183 -9.04 14.18 8.18
CA PHE A 183 -8.46 12.97 8.73
C PHE A 183 -7.25 13.32 9.59
N ASP A 184 -7.40 13.22 10.92
CA ASP A 184 -6.36 13.59 11.87
C ASP A 184 -5.75 12.36 12.53
N TYR A 185 -4.42 12.35 12.64
CA TYR A 185 -3.73 11.23 13.28
C TYR A 185 -2.60 11.66 14.21
N LEU A 186 -2.20 10.74 15.07
CA LEU A 186 -1.05 10.89 15.94
C LEU A 186 -0.39 9.54 16.06
N GLY A 187 0.94 9.53 16.05
CA GLY A 187 1.65 8.27 16.14
C GLY A 187 2.94 8.37 16.93
N ALA A 188 3.29 7.30 17.62
CA ALA A 188 4.54 7.22 18.37
C ALA A 188 5.15 5.87 18.13
N GLU A 189 6.46 5.85 17.93
CA GLU A 189 7.14 4.60 17.64
C GLU A 189 8.46 4.56 18.36
N TYR A 190 8.62 3.54 19.21
CA TYR A 190 9.83 3.44 20.00
C TYR A 190 10.63 2.19 19.65
N ARG A 191 11.87 2.40 19.23
CA ARG A 191 12.76 1.32 18.83
C ARG A 191 13.82 1.13 19.91
N PHE A 192 14.09 -0.12 20.26
CA PHE A 192 15.01 -0.44 21.36
C PHE A 192 15.65 -1.81 21.19
N ASN A 193 16.23 -2.35 22.27
CA ASN A 193 16.99 -3.61 22.23
C ASN A 193 17.99 -3.65 21.08
N ALA A 194 19.00 -2.78 21.15
CA ALA A 194 19.96 -2.59 20.06
C ALA A 194 19.27 -2.55 18.67
N GLU A 195 18.23 -1.72 18.57
CA GLU A 195 17.47 -1.52 17.32
C GLU A 195 16.65 -2.73 16.82
N ARG A 196 16.49 -3.76 17.66
CA ARG A 196 15.77 -4.97 17.25
C ARG A 196 14.27 -4.92 17.45
N SER A 197 13.87 -4.41 18.61
CA SER A 197 12.47 -4.41 19.01
C SER A 197 11.85 -3.04 18.74
N GLN A 198 10.53 -3.02 18.56
CA GLN A 198 9.82 -1.79 18.34
C GLN A 198 8.37 -1.91 18.76
N VAL A 199 7.86 -0.82 19.35
CA VAL A 199 6.48 -0.77 19.78
C VAL A 199 5.85 0.51 19.21
N GLY A 200 4.67 0.39 18.64
CA GLY A 200 4.03 1.50 17.98
C GLY A 200 2.66 1.82 18.54
N LEU A 201 2.27 3.09 18.45
CA LEU A 201 0.97 3.52 18.95
C LEU A 201 0.41 4.58 18.04
N TRP A 202 -0.81 4.36 17.58
CA TRP A 202 -1.40 5.24 16.60
C TRP A 202 -2.86 5.46 16.88
N GLN A 203 -3.34 6.65 16.54
CA GLN A 203 -4.73 7.00 16.70
C GLN A 203 -5.10 7.89 15.52
N ALA A 204 -6.16 7.52 14.82
CA ALA A 204 -6.61 8.31 13.69
C ALA A 204 -8.09 8.58 13.83
N ARG A 205 -8.50 9.70 13.26
CA ARG A 205 -9.85 10.19 13.40
C ARG A 205 -10.37 10.67 12.06
N LEU A 206 -11.19 9.85 11.39
CA LEU A 206 -11.87 10.33 10.19
C LEU A 206 -13.15 11.05 10.61
N GLN A 207 -13.08 12.39 10.63
CA GLN A 207 -14.11 13.22 11.25
C GLN A 207 -15.54 12.79 10.95
N ASP A 208 -16.31 12.58 12.02
CA ASP A 208 -17.72 12.22 11.96
C ASP A 208 -18.01 10.83 11.34
N ILE A 209 -16.96 10.06 11.10
CA ILE A 209 -17.17 8.73 10.57
C ILE A 209 -16.58 7.66 11.49
N TYR A 210 -15.26 7.71 11.69
CA TYR A 210 -14.62 6.78 12.62
C TYR A 210 -13.42 7.31 13.40
N ARG A 211 -13.05 6.53 14.42
CA ARG A 211 -11.85 6.70 15.22
C ARG A 211 -11.17 5.34 15.22
N GLN A 212 -9.86 5.32 14.96
CA GLN A 212 -9.16 4.05 14.86
C GLN A 212 -7.87 4.07 15.66
N ASP A 213 -7.70 3.09 16.55
CA ASP A 213 -6.46 2.93 17.29
C ASP A 213 -5.67 1.82 16.64
N TYR A 214 -4.34 1.91 16.74
CA TYR A 214 -3.48 0.84 16.25
C TYR A 214 -2.30 0.61 17.20
N TYR A 215 -2.12 -0.65 17.59
CA TYR A 215 -1.04 -1.04 18.49
C TYR A 215 -0.11 -1.97 17.73
N SER A 216 1.19 -1.78 17.91
CA SER A 216 2.15 -2.51 17.10
C SER A 216 3.31 -3.05 17.91
N LEU A 217 3.75 -4.25 17.56
CA LEU A 217 4.82 -4.91 18.28
C LEU A 217 5.62 -5.71 17.29
N SER A 218 6.95 -5.54 17.30
CA SER A 218 7.78 -6.19 16.31
C SER A 218 9.17 -6.45 16.82
N HIS A 219 9.76 -7.57 16.43
CA HIS A 219 11.13 -7.89 16.83
C HIS A 219 11.87 -8.57 15.69
N LYS A 220 13.16 -8.27 15.55
CA LYS A 220 13.96 -8.78 14.44
C LYS A 220 15.38 -8.99 14.92
N GLN A 221 15.88 -10.21 14.83
CA GLN A 221 17.17 -10.54 15.41
C GLN A 221 17.91 -11.64 14.63
N SER A 222 19.21 -11.45 14.42
CA SER A 222 20.00 -12.42 13.64
C SER A 222 20.68 -13.43 14.55
N PHE A 223 20.83 -14.65 14.04
CA PHE A 223 21.43 -15.75 14.80
C PHE A 223 22.39 -16.57 13.94
N GLY A 224 23.54 -15.98 13.63
CA GLY A 224 24.57 -16.67 12.87
C GLY A 224 24.34 -16.59 11.38
N GLY A 225 23.28 -17.24 10.93
CA GLY A 225 22.91 -17.25 9.52
C GLY A 225 21.42 -17.07 9.47
N TRP A 226 20.77 -17.40 10.58
CA TRP A 226 19.33 -17.15 10.71
C TRP A 226 19.03 -15.69 10.97
N ARG A 227 18.07 -15.16 10.24
CA ARG A 227 17.49 -13.88 10.61
C ARG A 227 16.00 -14.11 10.83
N LEU A 228 15.59 -14.16 12.09
CA LEU A 228 14.19 -14.36 12.46
C LEU A 228 13.49 -13.00 12.59
N GLY A 229 12.19 -12.98 12.34
CA GLY A 229 11.38 -11.79 12.54
C GLY A 229 9.97 -12.11 13.00
N ALA A 230 9.50 -11.38 14.01
CA ALA A 230 8.16 -11.54 14.54
C ALA A 230 7.47 -10.18 14.64
N SER A 231 6.24 -10.11 14.16
CA SER A 231 5.47 -8.89 14.25
C SER A 231 4.02 -9.21 14.57
N VAL A 232 3.39 -8.34 15.36
CA VAL A 232 1.97 -8.44 15.63
C VAL A 232 1.38 -7.03 15.70
N GLY A 233 0.23 -6.81 15.07
CA GLY A 233 -0.46 -5.55 15.17
C GLY A 233 -1.93 -5.72 15.52
N LEU A 234 -2.54 -4.67 16.07
CA LEU A 234 -3.97 -4.68 16.37
C LEU A 234 -4.63 -3.35 16.01
N PHE A 235 -5.69 -3.42 15.20
CA PHE A 235 -6.50 -2.24 14.91
C PHE A 235 -7.77 -2.33 15.75
N ASP A 236 -8.15 -1.22 16.36
CA ASP A 236 -9.43 -1.15 17.04
C ASP A 236 -10.18 0.07 16.50
N THR A 237 -11.26 -0.18 15.78
CA THR A 237 -11.98 0.90 15.12
C THR A 237 -13.43 1.00 15.57
N ARG A 238 -13.83 2.22 15.94
CA ARG A 238 -15.19 2.50 16.40
C ARG A 238 -15.72 3.70 15.62
N ASP A 239 -17.04 3.88 15.55
CA ASP A 239 -17.59 5.09 14.94
C ASP A 239 -17.27 6.31 15.83
N GLU A 240 -17.43 7.51 15.27
CA GLU A 240 -16.96 8.74 15.91
C GLU A 240 -17.88 9.92 15.56
N GLY A 241 -18.14 10.78 16.53
CA GLY A 241 -18.91 11.99 16.29
C GLY A 241 -20.32 11.73 15.82
N ALA A 242 -20.71 12.40 14.75
CA ALA A 242 -22.05 12.25 14.16
C ALA A 242 -22.27 10.84 13.62
N ALA A 243 -21.18 10.13 13.36
CA ALA A 243 -21.24 8.72 13.01
C ALA A 243 -22.06 8.51 11.74
N LYS A 244 -21.57 9.08 10.65
CA LYS A 244 -22.34 9.08 9.41
C LYS A 244 -22.56 7.69 8.80
N LEU A 245 -21.58 6.81 8.91
CA LEU A 245 -21.78 5.46 8.46
C LEU A 245 -22.59 4.64 9.47
N GLY A 246 -23.06 5.29 10.54
CA GLY A 246 -23.73 4.60 11.62
C GLY A 246 -22.74 4.07 12.67
N GLU A 247 -23.21 3.20 13.57
CA GLU A 247 -22.31 2.56 14.52
C GLU A 247 -21.39 1.57 13.82
N LEU A 248 -20.10 1.66 14.09
CA LEU A 248 -19.10 0.80 13.45
C LEU A 248 -18.33 0.09 14.55
N GLU A 249 -17.90 -1.13 14.25
CA GLU A 249 -17.29 -1.98 15.26
C GLU A 249 -16.37 -3.01 14.61
N ASN A 250 -15.09 -2.68 14.51
CA ASN A 250 -14.11 -3.69 14.11
C ASN A 250 -12.85 -3.67 14.98
N ARG A 251 -12.38 -4.87 15.29
CA ARG A 251 -11.10 -5.09 15.90
C ARG A 251 -10.45 -5.98 14.84
N ALA A 252 -9.19 -5.71 14.49
CA ALA A 252 -8.54 -6.50 13.45
C ALA A 252 -7.14 -6.87 13.86
N LEU A 253 -6.88 -8.18 13.99
CA LEU A 253 -5.58 -8.66 14.44
C LEU A 253 -4.78 -9.26 13.28
N THR A 254 -3.47 -9.06 13.31
CA THR A 254 -2.57 -9.59 12.31
C THR A 254 -1.23 -9.85 12.98
N GLY A 255 -0.48 -10.79 12.46
CA GLY A 255 0.82 -11.09 13.00
C GLY A 255 1.50 -12.14 12.14
N PHE A 256 2.83 -12.18 12.16
CA PHE A 256 3.51 -13.24 11.46
C PHE A 256 4.82 -13.57 12.13
N PHE A 257 5.45 -14.63 11.66
CA PHE A 257 6.77 -15.01 12.09
C PHE A 257 7.51 -15.44 10.84
N SER A 258 8.76 -15.03 10.74
CA SER A 258 9.52 -15.28 9.53
C SER A 258 10.89 -15.76 9.90
N ALA A 259 11.38 -16.74 9.15
CA ALA A 259 12.71 -17.28 9.36
C ALA A 259 13.41 -17.35 8.01
N THR A 260 14.65 -16.88 7.96
CA THR A 260 15.41 -16.85 6.73
C THR A 260 16.85 -17.32 6.93
N ARG A 261 17.28 -18.24 6.07
CA ARG A 261 18.64 -18.72 6.11
C ARG A 261 19.05 -19.10 4.70
N GLY A 262 20.27 -18.71 4.31
CA GLY A 262 20.82 -19.07 3.02
C GLY A 262 19.92 -18.81 1.82
N GLY A 263 19.23 -17.68 1.81
CA GLY A 263 18.41 -17.32 0.68
C GLY A 263 16.97 -17.82 0.74
N HIS A 264 16.72 -18.88 1.51
CA HIS A 264 15.36 -19.39 1.67
C HIS A 264 14.67 -18.66 2.80
N SER A 265 13.40 -18.32 2.60
CA SER A 265 12.58 -17.78 3.68
C SER A 265 11.27 -18.55 3.80
N LEU A 266 10.90 -18.90 5.03
CA LEU A 266 9.57 -19.44 5.27
C LEU A 266 8.91 -18.55 6.30
N GLY A 267 7.59 -18.43 6.20
CA GLY A 267 6.88 -17.54 7.08
C GLY A 267 5.43 -17.94 7.22
N ALA A 268 4.93 -17.87 8.45
CA ALA A 268 3.53 -18.11 8.71
C ALA A 268 2.91 -16.84 9.25
N GLY A 269 1.67 -16.58 8.84
CA GLY A 269 0.97 -15.38 9.25
C GLY A 269 -0.42 -15.75 9.69
N TYR A 270 -0.99 -14.94 10.58
CA TYR A 270 -2.37 -15.13 11.00
C TYR A 270 -3.06 -13.78 11.03
N GLN A 271 -4.36 -13.80 10.78
CA GLN A 271 -5.14 -12.58 10.69
C GLN A 271 -6.59 -12.88 11.05
N ARG A 272 -7.21 -12.01 11.84
CA ARG A 272 -8.61 -12.20 12.21
C ARG A 272 -9.39 -10.91 12.39
N MET A 273 -10.61 -10.90 11.85
CA MET A 273 -11.53 -9.78 11.90
C MET A 273 -12.54 -10.03 13.05
N TYR A 274 -12.64 -9.11 14.01
CA TYR A 274 -13.61 -9.25 15.09
C TYR A 274 -14.65 -8.13 15.04
N GLY A 275 -15.86 -8.43 15.47
CA GLY A 275 -16.91 -7.42 15.57
C GLY A 275 -17.91 -7.47 14.42
N ASP A 276 -18.90 -6.59 14.48
CA ASP A 276 -19.96 -6.54 13.48
C ASP A 276 -19.47 -6.12 12.11
N ASP A 277 -18.31 -5.47 12.06
CA ASP A 277 -17.77 -4.95 10.81
C ASP A 277 -16.39 -5.54 10.57
N GLY A 278 -16.02 -5.65 9.29
CA GLY A 278 -14.68 -6.06 8.93
C GLY A 278 -13.75 -4.85 9.02
N MET A 279 -12.51 -5.03 8.56
CA MET A 279 -11.51 -3.95 8.60
C MET A 279 -12.02 -2.66 7.94
N LEU A 280 -11.82 -1.56 8.63
CA LEU A 280 -12.25 -0.25 8.18
C LEU A 280 -10.99 0.58 7.88
N TYR A 281 -10.94 1.15 6.68
CA TYR A 281 -9.77 1.92 6.26
C TYR A 281 -10.15 2.94 5.20
N ILE A 282 -9.18 3.75 4.78
CA ILE A 282 -9.53 4.81 3.86
C ILE A 282 -9.61 4.30 2.41
N ALA A 283 -10.61 4.79 1.68
CA ALA A 283 -10.90 4.30 0.33
C ALA A 283 -9.65 4.22 -0.54
N GLY A 284 -9.37 3.04 -1.10
CA GLY A 284 -8.31 2.89 -2.09
C GLY A 284 -6.95 2.67 -1.46
N THR A 285 -6.90 2.74 -0.15
CA THR A 285 -5.64 2.69 0.57
C THR A 285 -5.21 1.25 0.78
N SER A 286 -3.94 1.03 1.11
CA SER A 286 -3.47 -0.31 1.46
C SER A 286 -3.49 -0.47 2.98
N THR A 287 -3.15 -1.65 3.48
CA THR A 287 -3.06 -1.88 4.92
C THR A 287 -1.83 -2.70 5.26
N PRO A 288 -1.38 -2.64 6.51
CA PRO A 288 -0.23 -3.51 6.85
C PRO A 288 -0.66 -4.91 7.29
N LEU A 289 -1.93 -5.28 7.11
CA LEU A 289 -2.37 -6.65 7.48
C LEU A 289 -1.59 -7.67 6.66
N VAL A 290 -1.23 -8.78 7.30
CA VAL A 290 -0.37 -9.78 6.67
C VAL A 290 -0.99 -10.44 5.43
N ASN A 291 -2.30 -10.63 5.46
CA ASN A 291 -3.01 -11.19 4.31
C ASN A 291 -3.54 -10.14 3.35
N ASP A 292 -2.96 -8.94 3.37
CA ASP A 292 -3.33 -7.95 2.37
C ASP A 292 -2.46 -8.27 1.16
N ILE A 293 -2.97 -9.15 0.30
CA ILE A 293 -2.13 -9.68 -0.76
C ILE A 293 -2.67 -9.29 -2.14
N GLN A 294 -2.32 -10.05 -3.17
CA GLN A 294 -2.43 -9.55 -4.54
C GLN A 294 -3.83 -9.08 -4.97
N VAL A 295 -4.86 -9.89 -4.74
CA VAL A 295 -6.20 -9.53 -5.22
C VAL A 295 -7.21 -9.31 -4.10
N ARG A 296 -6.98 -9.94 -2.96
CA ARG A 296 -7.89 -9.89 -1.83
C ARG A 296 -7.10 -9.68 -0.53
N ASN A 297 -7.74 -9.08 0.48
CA ASN A 297 -7.04 -8.78 1.74
C ASN A 297 -7.65 -9.46 2.98
N PHE A 298 -8.67 -10.28 2.75
CA PHE A 298 -9.26 -11.13 3.77
C PHE A 298 -9.75 -10.32 4.97
N THR A 299 -10.56 -9.31 4.70
CA THR A 299 -11.00 -8.38 5.75
C THR A 299 -12.51 -8.30 5.92
N SER A 300 -13.21 -9.31 5.40
CA SER A 300 -14.66 -9.40 5.59
C SER A 300 -14.99 -9.60 7.06
N ALA A 301 -16.20 -9.17 7.47
CA ALA A 301 -16.62 -9.33 8.85
C ALA A 301 -16.45 -10.77 9.35
N GLY A 302 -15.73 -10.92 10.45
CA GLY A 302 -15.53 -12.22 11.09
C GLY A 302 -14.51 -13.11 10.41
N GLU A 303 -13.87 -12.62 9.35
CA GLU A 303 -12.98 -13.49 8.60
C GLU A 303 -11.73 -13.85 9.40
N ARG A 304 -11.57 -15.17 9.61
CA ARG A 304 -10.36 -15.72 10.19
C ARG A 304 -9.51 -16.25 9.04
N SER A 305 -8.21 -15.99 9.07
CA SER A 305 -7.35 -16.42 7.98
C SER A 305 -5.90 -16.61 8.41
N TRP A 306 -5.18 -17.46 7.68
CA TRP A 306 -3.74 -17.61 7.86
C TRP A 306 -2.99 -17.56 6.52
N GLN A 307 -1.66 -17.61 6.60
CA GLN A 307 -0.83 -17.55 5.40
C GLN A 307 0.46 -18.33 5.61
N LEU A 308 0.90 -19.02 4.56
CA LEU A 308 2.22 -19.62 4.54
C LEU A 308 2.93 -18.98 3.35
N ARG A 309 4.18 -18.59 3.55
CA ARG A 309 4.87 -17.87 2.49
C ARG A 309 6.28 -18.39 2.35
N TYR A 310 6.74 -18.47 1.10
CA TYR A 310 8.09 -18.94 0.84
C TYR A 310 8.77 -17.92 -0.03
N ASP A 311 10.03 -17.64 0.26
CA ASP A 311 10.81 -16.70 -0.54
C ASP A 311 12.13 -17.36 -0.89
N TYR A 312 12.67 -17.01 -2.04
CA TYR A 312 14.06 -17.38 -2.33
C TYR A 312 14.76 -16.26 -3.06
N ASP A 313 15.99 -15.98 -2.63
CA ASP A 313 16.83 -14.95 -3.21
C ASP A 313 17.91 -15.68 -4.01
N PHE A 314 17.82 -15.61 -5.33
CA PHE A 314 18.69 -16.44 -6.18
C PHE A 314 20.15 -15.99 -6.22
N VAL A 315 20.54 -15.08 -5.32
CA VAL A 315 21.96 -14.76 -5.16
C VAL A 315 22.78 -16.05 -4.93
N ALA A 316 22.36 -16.86 -3.96
CA ALA A 316 23.10 -18.07 -3.58
C ALA A 316 23.44 -19.00 -4.75
N LEU A 317 22.56 -19.09 -5.72
CA LEU A 317 22.82 -19.91 -6.91
C LEU A 317 23.80 -19.24 -7.87
N GLY A 318 24.20 -18.01 -7.56
CA GLY A 318 25.02 -17.22 -8.45
C GLY A 318 24.22 -16.49 -9.52
N ILE A 319 23.06 -15.97 -9.15
CA ILE A 319 22.22 -15.17 -10.05
C ILE A 319 21.57 -14.00 -9.29
N PRO A 320 22.40 -13.05 -8.81
CA PRO A 320 21.86 -11.92 -8.03
C PRO A 320 20.89 -11.08 -8.85
N GLY A 321 19.89 -10.50 -8.18
CA GLY A 321 18.85 -9.76 -8.86
C GLY A 321 17.62 -10.61 -9.14
N LEU A 322 17.77 -11.92 -9.09
CA LEU A 322 16.63 -12.80 -9.31
C LEU A 322 16.01 -13.22 -7.98
N THR A 323 14.73 -12.92 -7.78
CA THR A 323 14.02 -13.41 -6.58
C THR A 323 12.69 -14.06 -6.94
N ALA A 324 12.24 -14.94 -6.05
CA ALA A 324 10.98 -15.65 -6.23
C ALA A 324 10.25 -15.73 -4.91
N MET A 325 8.93 -15.70 -4.98
CA MET A 325 8.10 -15.72 -3.78
C MET A 325 6.80 -16.45 -4.10
N ALA A 326 6.34 -17.28 -3.18
CA ALA A 326 5.02 -17.90 -3.31
C ALA A 326 4.34 -17.87 -1.96
N ARG A 327 3.03 -17.60 -1.95
CA ARG A 327 2.28 -17.66 -0.71
C ARG A 327 0.87 -18.21 -0.89
N TYR A 328 0.36 -18.80 0.19
CA TYR A 328 -0.98 -19.34 0.20
C TYR A 328 -1.74 -18.75 1.38
N ALA A 329 -2.91 -18.19 1.10
CA ALA A 329 -3.73 -17.55 2.11
C ALA A 329 -5.10 -18.23 2.14
N SER A 330 -5.58 -18.57 3.33
CA SER A 330 -6.84 -19.32 3.44
C SER A 330 -7.75 -18.66 4.47
N GLY A 331 -9.02 -18.46 4.13
CA GLY A 331 -9.94 -17.77 5.02
C GLY A 331 -11.28 -18.45 5.24
N ALA A 332 -11.85 -18.28 6.43
CA ALA A 332 -13.12 -18.92 6.75
C ALA A 332 -13.91 -18.05 7.72
N HIS A 333 -15.18 -18.40 7.92
CA HIS A 333 -16.09 -17.68 8.82
C HIS A 333 -16.41 -16.25 8.41
N ALA A 334 -16.30 -15.92 7.12
CA ALA A 334 -16.65 -14.57 6.68
C ALA A 334 -18.17 -14.44 6.56
N ARG A 335 -18.72 -13.28 6.92
CA ARG A 335 -20.15 -12.99 6.80
C ARG A 335 -20.48 -12.09 5.61
N THR A 336 -21.46 -12.49 4.80
CA THR A 336 -21.78 -11.75 3.56
C THR A 336 -23.28 -11.68 3.30
N LYS A 337 -24.07 -11.37 4.32
CA LYS A 337 -25.53 -11.30 4.22
C LYS A 337 -26.15 -12.62 3.74
N ALA A 338 -25.71 -13.09 2.58
CA ALA A 338 -26.12 -14.39 2.05
C ALA A 338 -25.71 -15.51 3.00
N MET A 339 -24.43 -15.55 3.36
CA MET A 339 -23.91 -16.63 4.21
C MET A 339 -22.92 -16.15 5.27
N ASP A 340 -22.86 -16.90 6.36
CA ASP A 340 -21.73 -16.87 7.27
C ASP A 340 -20.91 -18.09 6.86
N ASP A 341 -19.77 -18.31 7.50
CA ASP A 341 -18.88 -19.40 7.09
C ASP A 341 -18.47 -19.26 5.62
N GLY A 342 -18.23 -18.03 5.18
CA GLY A 342 -17.67 -17.78 3.87
C GLY A 342 -16.21 -18.20 3.82
N ARG A 343 -15.83 -18.92 2.77
CA ARG A 343 -14.46 -19.41 2.61
C ARG A 343 -13.79 -18.84 1.36
N ALA A 344 -12.48 -18.71 1.41
CA ALA A 344 -11.70 -18.26 0.26
C ALA A 344 -10.25 -18.69 0.43
N TRP A 345 -9.57 -18.89 -0.69
CA TRP A 345 -8.13 -19.09 -0.64
C TRP A 345 -7.47 -18.43 -1.83
N GLU A 346 -6.30 -17.84 -1.62
CA GLU A 346 -5.57 -17.19 -2.68
C GLU A 346 -4.14 -17.72 -2.69
N ARG A 347 -3.61 -17.92 -3.90
CA ARG A 347 -2.27 -18.44 -4.09
C ARG A 347 -1.56 -17.45 -5.00
N ASP A 348 -0.53 -16.77 -4.48
CA ASP A 348 0.20 -15.76 -5.24
C ASP A 348 1.55 -16.31 -5.61
N VAL A 349 2.10 -15.86 -6.74
CA VAL A 349 3.47 -16.20 -7.13
C VAL A 349 4.17 -14.98 -7.71
N ASP A 350 5.33 -14.67 -7.17
CA ASP A 350 6.06 -13.47 -7.54
C ASP A 350 7.43 -13.86 -8.04
N VAL A 351 7.78 -13.47 -9.26
CA VAL A 351 9.14 -13.65 -9.73
C VAL A 351 9.66 -12.29 -10.19
N ALA A 352 10.87 -11.96 -9.79
CA ALA A 352 11.42 -10.65 -10.15
C ALA A 352 12.87 -10.77 -10.55
N TYR A 353 13.25 -9.97 -11.55
CA TYR A 353 14.65 -9.87 -11.95
C TYR A 353 15.03 -8.41 -12.18
N VAL A 354 16.21 -8.04 -11.66
CA VAL A 354 16.73 -6.71 -11.84
C VAL A 354 18.15 -6.79 -12.39
N ILE A 355 18.34 -6.29 -13.62
CA ILE A 355 19.65 -6.28 -14.26
C ILE A 355 20.63 -5.51 -13.38
N GLN A 356 21.73 -6.15 -13.01
CA GLN A 356 22.61 -5.62 -11.96
C GLN A 356 23.86 -4.92 -12.53
N SER A 357 24.07 -5.06 -13.83
CA SER A 357 25.26 -4.48 -14.46
C SER A 357 25.04 -4.15 -15.94
N GLY A 358 25.78 -3.15 -16.41
CA GLY A 358 25.76 -2.79 -17.81
C GLY A 358 25.01 -1.51 -18.08
N PRO A 359 24.67 -1.26 -19.36
CA PRO A 359 23.88 -0.09 -19.74
C PRO A 359 22.51 -0.14 -19.06
N LEU A 360 21.92 -1.33 -18.99
CA LEU A 360 20.57 -1.47 -18.49
C LEU A 360 20.53 -1.82 -17.02
N LYS A 361 21.59 -1.46 -16.31
CA LYS A 361 21.64 -1.65 -14.85
C LYS A 361 20.39 -1.02 -14.23
N ASN A 362 19.77 -1.75 -13.30
CA ASN A 362 18.56 -1.33 -12.57
C ASN A 362 17.23 -1.48 -13.34
N LEU A 363 17.30 -1.82 -14.62
CA LEU A 363 16.09 -2.17 -15.35
C LEU A 363 15.45 -3.42 -14.70
N GLY A 364 14.15 -3.39 -14.48
CA GLY A 364 13.52 -4.47 -13.75
C GLY A 364 12.32 -5.06 -14.44
N LEU A 365 12.23 -6.39 -14.43
CA LEU A 365 11.06 -7.08 -14.94
C LEU A 365 10.51 -8.00 -13.87
N ARG A 366 9.22 -7.92 -13.65
CA ARG A 366 8.59 -8.67 -12.57
C ARG A 366 7.24 -9.22 -13.00
N TRP A 367 6.97 -10.48 -12.66
CA TRP A 367 5.72 -11.10 -13.02
C TRP A 367 4.96 -11.51 -11.76
N ARG A 368 3.70 -11.12 -11.67
CA ARG A 368 2.89 -11.50 -10.52
C ARG A 368 1.66 -12.27 -10.96
N ASN A 369 1.51 -13.46 -10.38
CA ASN A 369 0.43 -14.37 -10.75
C ASN A 369 -0.39 -14.74 -9.52
N ALA A 370 -1.72 -14.72 -9.64
CA ALA A 370 -2.57 -15.07 -8.48
C ALA A 370 -3.81 -15.85 -8.87
N MET A 371 -4.15 -16.83 -8.04
CA MET A 371 -5.40 -17.55 -8.16
C MET A 371 -6.23 -17.26 -6.93
N LEU A 372 -7.51 -16.99 -7.13
CA LEU A 372 -8.40 -16.81 -5.99
C LEU A 372 -9.67 -17.63 -6.24
N ARG A 373 -10.04 -18.44 -5.26
CA ARG A 373 -11.31 -19.15 -5.33
C ARG A 373 -12.05 -18.97 -4.01
N SER A 374 -13.37 -18.97 -4.09
CA SER A 374 -14.19 -18.59 -2.96
C SER A 374 -15.62 -19.04 -3.20
N ASN A 375 -16.43 -19.06 -2.15
CA ASN A 375 -17.87 -19.34 -2.27
C ASN A 375 -18.69 -18.09 -1.96
N HIS A 376 -18.01 -16.95 -1.92
CA HIS A 376 -18.66 -15.65 -1.81
C HIS A 376 -18.05 -14.59 -2.75
N ALA A 377 -16.72 -14.51 -2.78
CA ALA A 377 -16.04 -13.59 -3.70
C ALA A 377 -15.99 -14.17 -5.10
N ALA A 378 -15.80 -13.30 -6.08
CA ALA A 378 -15.67 -13.71 -7.47
C ALA A 378 -14.33 -14.42 -7.67
N ASP A 379 -14.36 -15.61 -8.26
CA ASP A 379 -13.11 -16.33 -8.53
C ASP A 379 -12.31 -15.61 -9.63
N VAL A 380 -11.02 -15.36 -9.38
CA VAL A 380 -10.18 -14.73 -10.39
C VAL A 380 -8.82 -15.41 -10.60
N ASP A 381 -8.26 -15.20 -11.79
CA ASP A 381 -6.87 -15.52 -12.09
C ASP A 381 -6.26 -14.22 -12.58
N GLU A 382 -5.15 -13.82 -12.00
CA GLU A 382 -4.61 -12.51 -12.33
C GLU A 382 -3.16 -12.60 -12.72
N ASN A 383 -2.79 -11.89 -13.77
CA ASN A 383 -1.41 -11.78 -14.18
C ASN A 383 -1.04 -10.33 -14.40
N ARG A 384 0.16 -9.97 -13.93
CA ARG A 384 0.70 -8.66 -14.25
C ARG A 384 2.14 -8.83 -14.70
N LEU A 385 2.48 -8.12 -15.77
CA LEU A 385 3.87 -7.98 -16.19
C LEU A 385 4.27 -6.56 -15.81
N ILE A 386 5.40 -6.40 -15.14
CA ILE A 386 5.83 -5.07 -14.72
C ILE A 386 7.29 -4.80 -15.09
N LEU A 387 7.47 -3.80 -15.95
CA LEU A 387 8.78 -3.35 -16.39
C LEU A 387 9.08 -2.06 -15.64
N SER A 388 10.29 -1.95 -15.11
CA SER A 388 10.62 -0.85 -14.20
C SER A 388 12.01 -0.31 -14.48
N TYR A 389 12.15 0.99 -14.30
CA TYR A 389 13.43 1.66 -14.42
C TYR A 389 13.31 3.01 -13.75
N SER A 390 14.41 3.52 -13.21
CA SER A 390 14.37 4.80 -12.55
C SER A 390 15.50 5.65 -13.10
N LEU A 391 15.14 6.78 -13.71
CA LEU A 391 16.11 7.68 -14.32
C LEU A 391 16.36 8.88 -13.42
N PRO A 392 17.60 9.03 -12.93
CA PRO A 392 18.04 10.24 -12.21
C PRO A 392 18.32 11.41 -13.17
N LEU A 393 17.98 12.64 -12.77
CA LEU A 393 18.19 13.81 -13.63
C LEU A 393 19.25 14.81 -13.13
C1 C8E B . 12.52 -22.13 -5.29
C2 C8E B . 14.03 -22.17 -5.54
C3 C8E B . 14.80 -22.94 -4.48
C4 C8E B . 16.30 -22.99 -4.75
C5 C8E B . 17.00 -24.00 -3.85
C6 C8E B . 18.48 -24.19 -4.19
C7 C8E B . 19.19 -25.11 -3.18
C8 C8E B . 19.54 -24.37 -1.89
O9 C8E B . 19.70 -25.23 -0.78
C10 C8E B . 21.04 -25.27 -0.34
C3 C8E C . -2.43 -6.66 -26.86
C4 C8E C . -1.03 -6.10 -26.77
C5 C8E C . -0.58 -5.97 -25.32
C6 C8E C . 0.76 -6.67 -25.08
C7 C8E C . 1.49 -6.14 -23.86
C8 C8E C . 2.69 -7.01 -23.51
O9 C8E C . 3.77 -6.22 -23.06
C10 C8E C . 3.89 -6.18 -21.66
C11 C8E C . 5.29 -5.72 -21.26
O12 C8E C . 5.42 -5.64 -19.85
C13 C8E C . 6.59 -6.29 -19.39
C1 C8E D . -1.09 19.38 -4.40
C2 C8E D . -0.22 20.63 -4.53
C3 C8E D . -0.95 21.76 -5.27
C4 C8E D . -0.51 21.93 -6.73
C5 C8E D . 0.44 23.11 -6.89
C6 C8E D . 0.79 23.46 -8.33
C7 C8E D . 2.23 23.10 -8.71
C8 C8E D . 2.71 24.01 -9.84
O9 C8E D . 4.12 24.01 -10.01
C10 C8E D . 4.59 23.06 -10.95
C11 C8E D . 5.37 23.73 -12.08
O12 C8E D . 6.40 24.58 -11.60
C13 C8E D . 7.48 24.71 -12.50
C14 C8E D . 8.75 25.17 -11.78
O15 C8E D . 9.65 24.10 -11.62
C1 C8E E . -1.91 -22.92 -13.84
C2 C8E E . -0.64 -22.65 -13.05
C3 C8E E . -0.31 -21.15 -12.99
C4 C8E E . 0.89 -20.80 -13.84
C5 C8E E . 2.07 -20.28 -13.02
C6 C8E E . 2.21 -21.00 -11.68
C7 C8E E . 3.54 -20.71 -10.98
C8 C8E E . 4.77 -20.89 -11.87
O9 C8E E . 5.90 -20.30 -11.25
C10 C8E E . 6.86 -21.24 -10.78
C11 C8E E . 8.07 -20.52 -10.20
O12 C8E E . 7.76 -19.95 -8.95
C13 C8E E . 8.50 -20.51 -7.87
C1 DMU F . -3.54 18.53 -12.00
C2 DMU F . -4.91 18.25 -11.27
C3 DMU F . -6.23 18.68 -12.20
C4 DMU F . -5.93 18.41 -13.73
O5 DMU F . -4.69 18.94 -14.06
C6 DMU F . -3.64 18.20 -13.46
O7 DMU F . -7.55 18.20 -11.75
O16 DMU F . -2.42 18.39 -14.16
C18 DMU F . -2.46 18.36 -15.58
C19 DMU F . -1.11 18.72 -16.19
C22 DMU F . 0.01 18.00 -15.45
C25 DMU F . 1.35 18.63 -15.84
C28 DMU F . 2.24 17.56 -16.47
C31 DMU F . 3.26 17.10 -15.45
C34 DMU F . 3.50 15.63 -15.66
C37 DMU F . 4.96 15.29 -15.45
C40 DMU F . 5.13 13.81 -15.37
C43 DMU F . 6.52 13.46 -15.80
O49 DMU F . -2.61 17.76 -11.36
O55 DMU F . -4.92 18.58 -9.83
C57 DMU F . -7.00 19.08 -14.50
O61 DMU F . -6.94 20.43 -14.18
C5 DMU F . -8.64 17.80 -9.64
C7 DMU F . -10.04 18.18 -9.88
C8 DMU F . -10.14 19.76 -10.03
C9 DMU F . -8.76 20.45 -9.61
O1 DMU F . -7.81 20.00 -10.50
C10 DMU F . -7.65 18.63 -10.43
O2 DMU F . -10.61 20.15 -11.39
O3 DMU F . -8.34 17.92 -8.30
O4 DMU F . -10.87 17.62 -8.93
C11 DMU F . -8.71 21.95 -9.59
O6 DMU F . -7.40 22.34 -9.30
#